data_4Y2X
#
_entry.id   4Y2X
#
_cell.length_a   92.731
_cell.length_b   92.731
_cell.length_c   243.251
_cell.angle_alpha   90.00
_cell.angle_beta   90.00
_cell.angle_gamma   120.00
#
_symmetry.space_group_name_H-M   'P 65 2 2'
#
loop_
_entity.id
_entity.type
_entity.pdbx_description
1 polymer 'Bifunctional epoxide hydrolase 2'
2 non-polymer 'MAGNESIUM ION'
3 non-polymer 2-[({2-[(3s,5s,7s)-tricyclo[3.3.1.1~3,7~]dec-1-yl]ethyl}amino)methyl]phenol
4 water water
#
_entity_poly.entity_id   1
_entity_poly.type   'polypeptide(L)'
_entity_poly.pdbx_seq_one_letter_code
;MTLRAAVFDLDGVLALPAVFGVLGRTEEALALPRGLLNDAFQKGGPEGATTRLMKGEITLSQWIPLMEENCRKCSETAKV
CLPKNFSIKEIFDKAISARKINRPMLQAALMLRKKGFTTAILTNTWLDDRAERDGLAQLMCELKMHFDFLIESCQVGMVK
PEPQIYKFLLDTLKASPSEVVFLDDIGANLKPARDLGMVTILVQDTDTALKELEKVTGIQLLNTPAPLPTSCNPSDMSHG
YVTVKPRVRLHFVELGSGPAVCLCHGFPESWYSWRYQIPALAQAGYRVLAMDMKGYGESSAPPEIEEYCMEVLCKEMVTF
LDKLGLSQAVFIGHDWGGMLVWYMALFYPERVRAVASLNTPFIPANPNMSPLESIKANPVFDYQLYFQEPGVAEAELEQN
LSRTFKSLFRASDESVLSMHKVCEAGGLFVNSPEEPSLSRMVTEEEIQFYVQQFKKSGFRGPLNWYRNMERNWKWACKSL
GRKILIPALMVTAEKDFVLVPQMSQHMEDWIPHLKRGHIEDCGHWTQMDKPTEVNQILIKWLDSDARNPPVVSKMHHHHH
H
;
_entity_poly.pdbx_strand_id   A
#
loop_
_chem_comp.id
_chem_comp.type
_chem_comp.name
_chem_comp.formula
4A0 non-polymer 2-[({2-[(3s,5s,7s)-tricyclo[3.3.1.1~3,7~]dec-1-yl]ethyl}amino)methyl]phenol 'C19 H27 N O'
MG non-polymer 'MAGNESIUM ION' 'Mg 2'
#
# COMPACT_ATOMS: atom_id res chain seq x y z
N THR A 2 -19.29 23.74 11.63
CA THR A 2 -18.96 23.97 13.07
C THR A 2 -17.88 23.02 13.61
N LEU A 3 -18.15 21.70 13.56
CA LEU A 3 -17.15 20.64 13.83
C LEU A 3 -16.10 20.57 12.75
N ARG A 4 -14.82 20.47 13.15
CA ARG A 4 -13.70 20.50 12.21
C ARG A 4 -12.59 19.48 12.53
N ALA A 5 -12.69 18.84 13.69
CA ALA A 5 -11.66 17.93 14.16
C ALA A 5 -12.27 16.72 14.85
N ALA A 6 -11.64 15.57 14.65
CA ALA A 6 -12.12 14.33 15.25
C ALA A 6 -10.97 13.64 15.98
N VAL A 7 -11.22 13.22 17.21
CA VAL A 7 -10.15 12.64 18.04
C VAL A 7 -10.59 11.28 18.47
N PHE A 8 -9.68 10.32 18.32
CA PHE A 8 -9.97 8.93 18.59
C PHE A 8 -8.98 8.42 19.58
N ASP A 9 -9.47 7.67 20.54
CA ASP A 9 -8.57 6.91 21.40
C ASP A 9 -8.14 5.67 20.64
N LEU A 10 -7.07 5.02 21.08
CA LEU A 10 -6.60 3.75 20.47
C LEU A 10 -7.37 2.55 21.05
N ASP A 11 -7.14 2.28 22.32
CA ASP A 11 -7.67 1.08 22.96
C ASP A 11 -9.19 1.17 23.10
N GLY A 12 -9.89 0.30 22.38
CA GLY A 12 -11.33 0.17 22.55
C GLY A 12 -12.01 0.98 21.47
N VAL A 13 -11.26 1.83 20.80
CA VAL A 13 -11.84 2.71 19.82
C VAL A 13 -11.23 2.47 18.45
N LEU A 14 -9.92 2.67 18.28
CA LEU A 14 -9.29 2.33 16.97
C LEU A 14 -8.68 0.90 16.89
N ALA A 15 -8.53 0.24 18.04
CA ALA A 15 -8.06 -1.11 18.14
C ALA A 15 -8.93 -1.92 19.10
N LEU A 16 -9.31 -3.14 18.71
CA LEU A 16 -10.05 -4.08 19.55
C LEU A 16 -9.43 -5.51 19.55
N PRO A 17 -9.67 -6.30 20.62
CA PRO A 17 -10.32 -5.96 21.89
C PRO A 17 -9.44 -5.03 22.73
N ALA A 18 -10.03 -4.19 23.59
CA ALA A 18 -9.23 -3.34 24.50
C ALA A 18 -8.45 -4.20 25.50
N VAL A 19 -7.24 -3.78 25.89
CA VAL A 19 -6.46 -4.61 26.85
C VAL A 19 -6.97 -4.61 28.31
N PHE A 20 -7.72 -3.59 28.71
CA PHE A 20 -8.53 -3.65 29.94
C PHE A 20 -9.41 -4.90 29.95
N GLY A 21 -9.97 -5.25 28.79
CA GLY A 21 -10.86 -6.40 28.64
C GLY A 21 -10.14 -7.73 28.67
N VAL A 22 -8.86 -7.68 29.05
CA VAL A 22 -8.11 -8.89 29.33
C VAL A 22 -8.04 -9.04 30.85
N LEU A 23 -8.09 -7.91 31.56
CA LEU A 23 -8.15 -7.95 33.00
C LEU A 23 -9.48 -8.57 33.43
N GLY A 24 -10.56 -8.17 32.76
CA GLY A 24 -11.86 -8.79 32.95
C GLY A 24 -11.89 -10.27 32.63
N ARG A 25 -11.40 -10.66 31.45
CA ARG A 25 -11.51 -12.06 31.02
C ARG A 25 -10.57 -13.02 31.77
N THR A 26 -9.35 -12.56 32.04
CA THR A 26 -8.39 -13.31 32.85
C THR A 26 -9.01 -13.65 34.20
N GLU A 27 -9.58 -12.64 34.88
CA GLU A 27 -10.31 -12.85 36.15
C GLU A 27 -11.33 -14.01 36.06
N GLU A 28 -12.28 -13.92 35.12
CA GLU A 28 -13.22 -15.02 34.87
C GLU A 28 -12.46 -16.30 34.58
N ALA A 29 -11.67 -16.27 33.49
CA ALA A 29 -10.94 -17.45 33.02
C ALA A 29 -10.17 -18.20 34.15
N LEU A 30 -9.66 -17.45 35.12
CA LEU A 30 -8.89 -18.02 36.23
C LEU A 30 -9.67 -18.06 37.55
N ALA A 31 -10.98 -17.83 37.45
CA ALA A 31 -11.93 -17.80 38.59
C ALA A 31 -11.49 -16.97 39.83
N LEU A 32 -10.88 -15.82 39.58
CA LEU A 32 -10.46 -14.90 40.65
C LEU A 32 -11.54 -13.87 40.89
N PRO A 33 -11.57 -13.28 42.11
CA PRO A 33 -12.44 -12.16 42.49
C PRO A 33 -12.62 -11.15 41.37
N ARG A 34 -13.88 -10.99 40.96
CA ARG A 34 -14.27 -10.02 39.96
C ARG A 34 -13.65 -8.69 40.38
N GLY A 35 -12.91 -8.09 39.44
CA GLY A 35 -12.33 -6.78 39.65
C GLY A 35 -10.97 -6.72 40.36
N LEU A 36 -10.46 -7.87 40.81
CA LEU A 36 -9.17 -7.94 41.52
C LEU A 36 -8.02 -7.37 40.69
N LEU A 37 -7.96 -7.77 39.41
CA LEU A 37 -6.94 -7.30 38.50
C LEU A 37 -7.09 -5.84 38.17
N ASN A 38 -8.32 -5.35 37.98
CA ASN A 38 -8.47 -3.93 37.70
C ASN A 38 -8.00 -3.05 38.85
N ASP A 39 -8.34 -3.44 40.08
CA ASP A 39 -7.88 -2.73 41.28
C ASP A 39 -6.35 -2.67 41.35
N ALA A 40 -5.68 -3.80 41.10
CA ALA A 40 -4.21 -3.81 41.15
C ALA A 40 -3.65 -2.91 40.04
N PHE A 41 -4.19 -3.03 38.83
CA PHE A 41 -3.84 -2.12 37.75
C PHE A 41 -3.97 -0.66 38.19
N GLN A 42 -5.07 -0.33 38.87
CA GLN A 42 -5.30 1.06 39.27
C GLN A 42 -4.69 1.46 40.61
N LYS A 43 -4.02 0.52 41.29
CA LYS A 43 -3.49 0.78 42.63
C LYS A 43 -2.71 2.10 42.74
N GLY A 44 -3.06 2.90 43.74
CA GLY A 44 -2.31 4.10 44.09
C GLY A 44 -2.77 5.34 43.36
N GLY A 45 -3.72 5.16 42.43
CA GLY A 45 -4.27 6.28 41.66
C GLY A 45 -3.16 7.08 40.96
N PRO A 46 -3.19 8.42 41.13
CA PRO A 46 -2.25 9.27 40.38
C PRO A 46 -0.78 9.01 40.71
N GLU A 47 -0.51 8.43 41.89
CA GLU A 47 0.86 8.06 42.27
C GLU A 47 1.24 6.58 42.18
N GLY A 48 0.32 5.72 41.76
CA GLY A 48 0.62 4.27 41.63
C GLY A 48 1.42 3.87 40.40
N ALA A 49 1.89 2.62 40.37
CA ALA A 49 2.77 2.14 39.29
C ALA A 49 2.27 2.43 37.86
N THR A 50 0.98 2.24 37.62
CA THR A 50 0.43 2.43 36.30
C THR A 50 0.47 3.86 35.77
N THR A 51 0.16 4.85 36.60
CA THR A 51 0.21 6.24 36.11
C THR A 51 1.60 6.69 35.70
N ARG A 52 2.62 6.22 36.43
CA ARG A 52 4.02 6.56 36.12
C ARG A 52 4.43 5.89 34.80
N LEU A 53 3.86 4.71 34.56
CA LEU A 53 3.99 4.03 33.31
C LEU A 53 3.39 4.87 32.20
N MET A 54 2.17 5.39 32.41
CA MET A 54 1.44 6.12 31.34
C MET A 54 2.08 7.47 31.06
N LYS A 55 2.74 8.02 32.08
CA LYS A 55 3.49 9.28 31.98
C LYS A 55 4.93 9.18 31.41
N GLY A 56 5.39 7.96 31.16
CA GLY A 56 6.72 7.78 30.61
C GLY A 56 7.84 7.83 31.64
N GLU A 57 7.51 7.64 32.93
CA GLU A 57 8.51 7.64 34.00
C GLU A 57 9.26 6.35 33.98
N ILE A 58 8.53 5.29 33.67
CA ILE A 58 9.04 3.93 33.69
C ILE A 58 8.63 3.18 32.42
N THR A 59 9.41 2.19 32.03
CA THR A 59 9.11 1.39 30.83
C THR A 59 8.17 0.24 31.19
N LEU A 60 7.55 -0.39 30.18
CA LEU A 60 6.64 -1.51 30.44
C LEU A 60 7.33 -2.57 31.30
N SER A 61 8.57 -2.96 30.96
CA SER A 61 9.24 -4.07 31.64
C SER A 61 9.55 -3.73 33.08
N GLN A 62 9.83 -2.45 33.35
CA GLN A 62 9.91 -1.92 34.71
C GLN A 62 8.57 -2.03 35.49
N TRP A 63 7.45 -1.91 34.78
CA TRP A 63 6.14 -1.91 35.44
C TRP A 63 5.68 -3.33 35.80
N ILE A 64 6.02 -4.30 34.96
CA ILE A 64 5.49 -5.65 35.08
C ILE A 64 5.60 -6.17 36.52
N PRO A 65 6.81 -6.12 37.12
CA PRO A 65 6.92 -6.56 38.51
C PRO A 65 6.13 -5.70 39.51
N LEU A 66 6.09 -4.37 39.32
CA LEU A 66 5.29 -3.51 40.19
C LEU A 66 3.80 -3.91 40.18
N MET A 67 3.27 -4.24 39.00
CA MET A 67 1.87 -4.68 38.90
C MET A 67 1.70 -6.01 39.64
N GLU A 68 2.75 -6.84 39.54
CA GLU A 68 2.83 -8.13 40.19
C GLU A 68 2.63 -7.97 41.70
N GLU A 69 3.37 -7.02 42.28
CA GLU A 69 3.30 -6.74 43.70
C GLU A 69 1.91 -6.27 44.11
N ASN A 70 1.30 -5.43 43.28
CA ASN A 70 -0.06 -4.98 43.51
C ASN A 70 -1.11 -6.12 43.49
N CYS A 71 -0.94 -7.08 42.56
CA CYS A 71 -1.81 -8.26 42.48
C CYS A 71 -1.67 -9.15 43.70
N ARG A 72 -0.45 -9.26 44.22
CA ARG A 72 -0.18 -9.89 45.52
C ARG A 72 -0.93 -9.19 46.71
N LYS A 73 -0.72 -7.87 46.90
CA LYS A 73 -1.45 -7.09 47.93
C LYS A 73 -2.97 -7.33 47.89
N CYS A 74 -3.53 -7.21 46.68
CA CYS A 74 -4.98 -7.29 46.44
C CYS A 74 -5.57 -8.63 46.82
N SER A 75 -4.81 -9.70 46.53
CA SER A 75 -5.24 -11.07 46.85
C SER A 75 -5.10 -11.40 48.34
N GLU A 76 -4.03 -10.91 48.98
CA GLU A 76 -3.86 -11.00 50.42
C GLU A 76 -5.04 -10.39 51.21
N THR A 77 -5.56 -9.26 50.75
CA THR A 77 -6.68 -8.59 51.45
C THR A 77 -8.09 -9.11 51.04
N ALA A 78 -8.16 -9.80 49.90
CA ALA A 78 -9.40 -10.44 49.45
C ALA A 78 -9.37 -11.91 49.88
N LYS A 79 -8.27 -12.28 50.57
CA LYS A 79 -8.03 -13.61 51.11
C LYS A 79 -8.26 -14.73 50.08
N VAL A 80 -7.59 -14.58 48.93
CA VAL A 80 -7.54 -15.62 47.86
C VAL A 80 -6.09 -15.88 47.47
N CYS A 81 -5.87 -16.99 46.77
CA CYS A 81 -4.52 -17.33 46.28
C CYS A 81 -4.46 -17.04 44.79
N LEU A 82 -3.42 -16.34 44.36
CA LEU A 82 -3.15 -16.29 42.94
C LEU A 82 -2.66 -17.69 42.52
N PRO A 83 -3.12 -18.22 41.36
CA PRO A 83 -2.72 -19.55 40.91
C PRO A 83 -1.20 -19.70 40.70
N LYS A 84 -0.79 -20.95 40.49
CA LYS A 84 0.60 -21.29 40.20
C LYS A 84 0.84 -20.96 38.74
N ASN A 85 2.03 -20.41 38.44
CA ASN A 85 2.41 -20.01 37.06
C ASN A 85 1.66 -18.77 36.55
N PHE A 86 1.08 -18.03 37.50
CA PHE A 86 0.44 -16.74 37.24
C PHE A 86 1.47 -15.69 36.80
N SER A 87 1.22 -15.10 35.63
CA SER A 87 2.22 -14.30 34.89
C SER A 87 1.64 -13.05 34.20
N ILE A 88 1.96 -11.88 34.73
CA ILE A 88 1.53 -10.61 34.12
C ILE A 88 2.17 -10.37 32.73
N LYS A 89 3.44 -10.73 32.58
CA LYS A 89 4.07 -10.71 31.25
C LYS A 89 3.22 -11.51 30.28
N GLU A 90 2.86 -12.74 30.66
CA GLU A 90 2.00 -13.61 29.85
C GLU A 90 0.63 -13.00 29.48
N ILE A 91 -0.15 -12.63 30.48
CA ILE A 91 -1.47 -12.01 30.28
C ILE A 91 -1.36 -10.79 29.34
N PHE A 92 -0.36 -9.95 29.57
CA PHE A 92 -0.17 -8.75 28.76
C PHE A 92 0.40 -8.96 27.36
N ASP A 93 1.28 -9.94 27.20
CA ASP A 93 1.78 -10.31 25.87
C ASP A 93 0.61 -10.70 24.98
N LYS A 94 -0.20 -11.62 25.50
CA LYS A 94 -1.35 -12.21 24.81
C LYS A 94 -2.37 -11.12 24.47
N ALA A 95 -2.73 -10.30 25.46
CA ALA A 95 -3.69 -9.20 25.26
C ALA A 95 -3.23 -8.25 24.14
N ILE A 96 -1.97 -7.81 24.25
CA ILE A 96 -1.37 -6.86 23.31
C ILE A 96 -1.27 -7.38 21.87
N SER A 97 -0.89 -8.64 21.68
CA SER A 97 -0.91 -9.20 20.32
C SER A 97 -2.29 -9.59 19.78
N ALA A 98 -3.32 -9.59 20.63
CA ALA A 98 -4.68 -9.90 20.18
C ALA A 98 -5.43 -8.66 19.73
N ARG A 99 -4.92 -7.49 20.05
CA ARG A 99 -5.60 -6.26 19.61
C ARG A 99 -5.32 -6.02 18.12
N LYS A 100 -6.38 -5.79 17.33
CA LYS A 100 -6.26 -5.50 15.90
C LYS A 100 -6.94 -4.19 15.67
N ILE A 101 -6.64 -3.54 14.56
CA ILE A 101 -7.37 -2.34 14.12
C ILE A 101 -8.86 -2.68 14.01
N ASN A 102 -9.70 -1.84 14.62
CA ASN A 102 -11.13 -1.89 14.39
C ASN A 102 -11.32 -1.27 13.00
N ARG A 103 -11.39 -2.10 11.94
CA ARG A 103 -11.51 -1.55 10.57
C ARG A 103 -12.64 -0.52 10.43
N PRO A 104 -13.87 -0.83 10.92
CA PRO A 104 -14.89 0.22 10.59
C PRO A 104 -14.58 1.60 11.17
N MET A 105 -13.93 1.62 12.34
CA MET A 105 -13.53 2.86 13.00
C MET A 105 -12.43 3.64 12.23
N LEU A 106 -11.37 2.94 11.80
CA LEU A 106 -10.37 3.54 10.91
C LEU A 106 -11.10 4.11 9.70
N GLN A 107 -11.93 3.30 9.04
CA GLN A 107 -12.61 3.76 7.82
C GLN A 107 -13.38 5.09 8.03
N ALA A 108 -14.16 5.19 9.11
CA ALA A 108 -14.80 6.46 9.48
C ALA A 108 -13.79 7.60 9.70
N ALA A 109 -12.67 7.32 10.36
CA ALA A 109 -11.65 8.36 10.54
C ALA A 109 -11.19 8.83 9.18
N LEU A 110 -10.84 7.87 8.32
CA LEU A 110 -10.43 8.15 6.93
C LEU A 110 -11.41 9.07 6.23
N MET A 111 -12.67 8.66 6.19
CA MET A 111 -13.71 9.43 5.52
C MET A 111 -13.79 10.90 5.97
N LEU A 112 -13.81 11.14 7.27
CA LEU A 112 -13.86 12.51 7.82
C LEU A 112 -12.58 13.28 7.46
N ARG A 113 -11.47 12.56 7.35
CA ARG A 113 -10.26 13.24 6.94
C ARG A 113 -10.42 13.61 5.49
N LYS A 114 -11.14 12.79 4.75
CA LYS A 114 -11.33 13.04 3.33
C LYS A 114 -12.25 14.25 3.10
N LYS A 115 -13.25 14.42 3.94
CA LYS A 115 -14.11 15.59 3.81
C LYS A 115 -13.56 16.79 4.59
N GLY A 116 -12.29 16.75 4.99
CA GLY A 116 -11.63 17.92 5.54
C GLY A 116 -11.39 18.04 7.05
N PHE A 117 -11.76 17.03 7.84
CA PHE A 117 -11.47 17.07 9.29
C PHE A 117 -9.99 16.87 9.61
N THR A 118 -9.54 17.50 10.69
CA THR A 118 -8.22 17.22 11.25
C THR A 118 -8.45 16.06 12.19
N THR A 119 -7.78 14.94 11.96
CA THR A 119 -7.97 13.79 12.81
C THR A 119 -6.73 13.54 13.69
N ALA A 120 -7.00 13.07 14.92
CA ALA A 120 -5.95 12.79 15.88
C ALA A 120 -6.25 11.56 16.74
N ILE A 121 -5.18 10.89 17.15
CA ILE A 121 -5.26 9.80 18.11
C ILE A 121 -4.69 10.38 19.37
N LEU A 122 -5.48 10.31 20.46
CA LEU A 122 -4.99 10.66 21.77
C LEU A 122 -5.14 9.45 22.66
N THR A 123 -4.01 8.96 23.17
CA THR A 123 -3.96 7.66 23.83
C THR A 123 -3.08 7.61 25.08
N ASN A 124 -3.58 6.98 26.14
CA ASN A 124 -2.72 6.66 27.27
C ASN A 124 -1.94 5.42 26.92
N THR A 125 -0.68 5.58 26.55
CA THR A 125 0.14 4.40 26.24
C THR A 125 1.44 4.37 27.06
N TRP A 126 2.29 3.40 26.77
CA TRP A 126 3.47 3.11 27.59
C TRP A 126 4.67 2.90 26.70
N LEU A 127 5.87 3.19 27.24
CA LEU A 127 7.13 2.82 26.59
C LEU A 127 7.38 1.29 26.57
N ASP A 128 7.23 0.68 25.40
CA ASP A 128 7.21 -0.77 25.30
C ASP A 128 8.57 -1.40 25.01
N ASP A 129 9.19 -2.00 26.03
CA ASP A 129 10.53 -2.63 25.89
C ASP A 129 10.49 -4.16 26.05
N ARG A 130 9.31 -4.74 25.84
CA ARG A 130 9.16 -6.18 25.87
C ARG A 130 9.97 -6.81 24.75
N ALA A 131 10.36 -8.07 24.94
CA ALA A 131 10.97 -8.82 23.85
C ALA A 131 10.05 -8.81 22.59
N GLU A 132 8.75 -8.75 22.80
CA GLU A 132 7.77 -8.92 21.71
C GLU A 132 7.15 -7.57 21.21
N ARG A 133 7.83 -6.47 21.55
CA ARG A 133 7.38 -5.08 21.34
C ARG A 133 7.06 -4.65 19.87
N ASP A 134 7.71 -5.31 18.92
CA ASP A 134 7.57 -5.04 17.49
C ASP A 134 6.13 -5.13 16.97
N GLY A 135 5.36 -6.07 17.54
CA GLY A 135 3.95 -6.22 17.26
C GLY A 135 3.22 -4.91 17.43
N LEU A 136 3.31 -4.32 18.63
CA LEU A 136 2.76 -3.00 18.85
C LEU A 136 3.41 -1.90 17.98
N ALA A 137 4.72 -1.99 17.71
CA ALA A 137 5.33 -1.03 16.82
C ALA A 137 4.64 -1.06 15.44
N GLN A 138 4.37 -2.28 14.95
CA GLN A 138 3.69 -2.50 13.68
C GLN A 138 2.25 -1.91 13.67
N LEU A 139 1.43 -2.27 14.66
CA LEU A 139 0.08 -1.74 14.70
C LEU A 139 0.13 -0.20 14.65
N MET A 140 0.91 0.43 15.55
CA MET A 140 1.00 1.91 15.61
C MET A 140 1.41 2.58 14.30
N CYS A 141 2.33 1.93 13.58
CA CYS A 141 2.66 2.36 12.22
C CYS A 141 1.45 2.27 11.29
N GLU A 142 0.75 1.15 11.29
CA GLU A 142 -0.38 0.98 10.41
C GLU A 142 -1.48 2.00 10.70
N LEU A 143 -1.53 2.47 11.95
CA LEU A 143 -2.59 3.38 12.37
C LEU A 143 -2.23 4.82 12.14
N LYS A 144 -1.07 5.24 12.65
CA LYS A 144 -0.70 6.67 12.63
C LYS A 144 -0.65 7.33 11.25
N MET A 145 -0.24 6.60 10.20
CA MET A 145 -0.11 7.19 8.85
C MET A 145 -1.40 7.85 8.34
N HIS A 146 -2.54 7.47 8.93
CA HIS A 146 -3.84 7.96 8.48
C HIS A 146 -4.32 9.19 9.22
N PHE A 147 -3.57 9.64 10.23
CA PHE A 147 -4.01 10.76 11.11
C PHE A 147 -3.06 11.97 11.08
N ASP A 148 -3.58 13.17 11.38
CA ASP A 148 -2.73 14.38 11.40
C ASP A 148 -1.81 14.39 12.61
N PHE A 149 -2.30 13.87 13.74
CA PHE A 149 -1.50 13.84 14.97
C PHE A 149 -1.70 12.55 15.74
N LEU A 150 -0.66 12.16 16.46
CA LEU A 150 -0.69 11.06 17.39
C LEU A 150 -0.11 11.59 18.70
N ILE A 151 -0.93 11.68 19.74
CA ILE A 151 -0.46 12.21 21.02
C ILE A 151 -0.43 11.06 22.02
N GLU A 152 0.77 10.79 22.54
CA GLU A 152 0.93 9.63 23.40
C GLU A 152 1.22 10.08 24.80
N SER A 153 0.43 9.57 25.76
CA SER A 153 0.60 9.99 27.13
C SER A 153 2.06 9.93 27.49
N CYS A 154 2.70 8.79 27.21
CA CYS A 154 4.04 8.57 27.70
C CYS A 154 5.08 9.42 26.94
N GLN A 155 4.66 10.15 25.91
CA GLN A 155 5.60 11.06 25.25
C GLN A 155 5.48 12.50 25.78
N VAL A 156 4.28 12.87 26.21
CA VAL A 156 4.00 14.25 26.55
C VAL A 156 3.93 14.44 28.05
N GLY A 157 4.01 13.35 28.79
CA GLY A 157 4.12 13.38 30.25
C GLY A 157 2.82 13.70 30.97
N MET A 158 1.70 13.59 30.26
CA MET A 158 0.40 13.83 30.84
C MET A 158 -0.44 12.61 30.51
N VAL A 159 -1.61 12.49 31.14
CA VAL A 159 -2.50 11.37 30.87
C VAL A 159 -3.95 11.81 30.92
N LYS A 160 -4.82 11.15 30.16
CA LYS A 160 -6.26 11.22 30.41
C LYS A 160 -6.41 10.65 31.82
N PRO A 161 -7.28 11.22 32.68
CA PRO A 161 -8.20 12.34 32.44
C PRO A 161 -7.72 13.69 32.99
N GLU A 162 -6.39 13.87 33.12
CA GLU A 162 -5.86 15.11 33.69
C GLU A 162 -6.25 16.20 32.71
N PRO A 163 -6.68 17.38 33.21
CA PRO A 163 -7.26 18.36 32.28
C PRO A 163 -6.25 18.93 31.26
N GLN A 164 -4.99 19.00 31.68
CA GLN A 164 -3.90 19.54 30.88
C GLN A 164 -3.68 18.85 29.51
N ILE A 165 -3.94 17.54 29.42
CA ILE A 165 -3.76 16.86 28.12
C ILE A 165 -4.77 17.34 27.08
N TYR A 166 -6.02 17.60 27.51
CA TYR A 166 -7.06 18.22 26.65
C TYR A 166 -6.69 19.63 26.22
N LYS A 167 -5.99 20.35 27.09
CA LYS A 167 -5.45 21.65 26.69
C LYS A 167 -4.36 21.45 25.68
N PHE A 168 -3.48 20.47 25.93
CA PHE A 168 -2.44 20.11 24.93
C PHE A 168 -3.09 19.71 23.59
N LEU A 169 -4.10 18.85 23.66
CA LEU A 169 -4.84 18.49 22.45
C LEU A 169 -5.35 19.70 21.65
N LEU A 170 -6.07 20.61 22.31
CA LEU A 170 -6.67 21.76 21.60
C LEU A 170 -5.60 22.57 20.92
N ASP A 171 -4.48 22.72 21.63
CA ASP A 171 -3.41 23.54 21.16
C ASP A 171 -2.72 22.93 19.95
N THR A 172 -2.57 21.60 19.97
CA THR A 172 -2.13 20.86 18.79
C THR A 172 -3.08 21.01 17.60
N LEU A 173 -4.40 20.85 17.82
CA LEU A 173 -5.37 20.92 16.69
C LEU A 173 -5.51 22.33 16.14
N LYS A 174 -5.05 23.34 16.90
CA LYS A 174 -5.37 24.74 16.61
C LYS A 174 -6.88 24.86 16.39
N ALA A 175 -7.64 24.39 17.38
CA ALA A 175 -9.09 24.37 17.29
C ALA A 175 -9.67 24.74 18.63
N SER A 176 -10.86 25.31 18.62
CA SER A 176 -11.53 25.57 19.88
C SER A 176 -12.37 24.33 20.22
N PRO A 177 -12.68 24.14 21.50
CA PRO A 177 -13.27 22.90 21.96
C PRO A 177 -14.60 22.57 21.30
N SER A 178 -15.40 23.56 20.90
CA SER A 178 -16.68 23.27 20.28
C SER A 178 -16.54 22.84 18.81
N GLU A 179 -15.31 22.80 18.29
CA GLU A 179 -15.05 22.33 16.93
C GLU A 179 -14.59 20.85 16.86
N VAL A 180 -14.59 20.17 18.01
CA VAL A 180 -13.98 18.87 18.19
C VAL A 180 -14.97 17.76 18.68
N VAL A 181 -14.98 16.64 17.96
CA VAL A 181 -15.60 15.42 18.47
C VAL A 181 -14.50 14.49 19.00
N PHE A 182 -14.70 13.97 20.22
CA PHE A 182 -13.74 13.09 20.88
C PHE A 182 -14.49 11.82 21.27
N LEU A 183 -13.99 10.67 20.79
CA LEU A 183 -14.53 9.36 21.13
C LEU A 183 -13.61 8.59 22.07
N ASP A 184 -14.22 8.00 23.11
CA ASP A 184 -13.51 7.15 24.07
C ASP A 184 -14.44 6.02 24.52
N ASP A 185 -13.87 4.93 25.00
CA ASP A 185 -14.69 3.86 25.56
C ASP A 185 -14.89 3.96 27.08
N ILE A 186 -14.18 4.93 27.71
CA ILE A 186 -14.09 5.07 29.17
C ILE A 186 -14.64 6.44 29.50
N GLY A 187 -15.69 6.47 30.33
CA GLY A 187 -16.48 7.68 30.52
C GLY A 187 -15.69 8.78 31.22
N ALA A 188 -14.98 8.40 32.27
CA ALA A 188 -14.12 9.33 32.99
C ALA A 188 -13.23 10.17 32.03
N ASN A 189 -12.70 9.51 31.00
CA ASN A 189 -11.89 10.17 29.98
C ASN A 189 -12.66 11.16 29.12
N LEU A 190 -13.97 10.98 29.02
CA LEU A 190 -14.81 11.90 28.27
C LEU A 190 -15.07 13.16 29.10
N LYS A 191 -15.33 12.93 30.39
CA LYS A 191 -15.64 13.99 31.35
C LYS A 191 -14.94 15.34 31.07
N PRO A 192 -13.58 15.42 31.10
CA PRO A 192 -12.98 16.75 30.93
C PRO A 192 -13.15 17.33 29.52
N ALA A 193 -13.40 16.50 28.52
CA ALA A 193 -13.71 17.02 27.17
C ALA A 193 -15.08 17.70 27.14
N ARG A 194 -16.07 17.11 27.80
CA ARG A 194 -17.39 17.71 27.93
C ARG A 194 -17.34 19.08 28.66
N ASP A 195 -16.67 19.17 29.81
CA ASP A 195 -16.40 20.47 30.51
C ASP A 195 -15.93 21.61 29.61
N LEU A 196 -15.04 21.32 28.66
CA LEU A 196 -14.59 22.37 27.74
C LEU A 196 -15.61 22.65 26.63
N GLY A 197 -16.70 21.87 26.58
CA GLY A 197 -17.72 21.89 25.52
C GLY A 197 -17.36 21.18 24.21
N MET A 198 -16.68 20.04 24.30
CA MET A 198 -16.43 19.20 23.12
C MET A 198 -17.63 18.27 22.96
N VAL A 199 -17.91 17.88 21.72
CA VAL A 199 -18.86 16.82 21.45
C VAL A 199 -18.09 15.58 21.84
N THR A 200 -18.74 14.69 22.58
CA THR A 200 -18.09 13.47 23.05
C THR A 200 -18.94 12.29 22.65
N ILE A 201 -18.31 11.14 22.43
CA ILE A 201 -19.03 9.91 22.14
C ILE A 201 -18.46 8.79 23.03
N LEU A 202 -19.32 8.16 23.82
CA LEU A 202 -18.93 6.97 24.60
C LEU A 202 -19.09 5.75 23.70
N VAL A 203 -17.96 5.14 23.36
CA VAL A 203 -17.89 4.00 22.43
C VAL A 203 -18.12 2.68 23.16
N GLN A 204 -19.36 2.20 23.15
CA GLN A 204 -19.56 0.82 23.53
C GLN A 204 -19.42 -0.07 22.28
N ASP A 205 -20.48 -0.32 21.51
CA ASP A 205 -20.29 -1.06 20.23
C ASP A 205 -19.93 -0.07 19.14
N THR A 206 -19.14 -0.52 18.18
CA THR A 206 -18.67 0.37 17.14
C THR A 206 -19.79 1.04 16.37
N ASP A 207 -20.79 0.25 15.95
CA ASP A 207 -21.85 0.72 15.03
C ASP A 207 -22.65 1.90 15.59
N THR A 208 -22.95 1.84 16.89
CA THR A 208 -23.72 2.89 17.55
C THR A 208 -22.92 4.18 17.71
N ALA A 209 -21.64 4.04 18.07
CA ALA A 209 -20.71 5.19 18.10
C ALA A 209 -20.60 5.90 16.75
N LEU A 210 -20.60 5.15 15.65
CA LEU A 210 -20.47 5.76 14.30
C LEU A 210 -21.78 6.40 13.89
N LYS A 211 -22.89 5.96 14.49
CA LYS A 211 -24.19 6.46 14.12
C LYS A 211 -24.35 7.82 14.75
N GLU A 212 -23.89 7.90 16.00
CA GLU A 212 -23.78 9.15 16.75
C GLU A 212 -22.79 10.10 16.06
N LEU A 213 -21.69 9.53 15.57
CA LEU A 213 -20.70 10.29 14.81
C LEU A 213 -21.24 10.74 13.46
N GLU A 214 -22.07 9.90 12.85
CA GLU A 214 -22.68 10.22 11.59
C GLU A 214 -23.58 11.45 11.80
N LYS A 215 -24.44 11.37 12.81
CA LYS A 215 -25.42 12.42 13.11
C LYS A 215 -24.78 13.74 13.48
N VAL A 216 -23.76 13.69 14.32
CA VAL A 216 -23.19 14.92 14.75
C VAL A 216 -22.32 15.63 13.68
N THR A 217 -21.62 14.87 12.84
CA THR A 217 -20.82 15.49 11.76
C THR A 217 -21.64 15.73 10.52
N GLY A 218 -22.75 14.99 10.36
CA GLY A 218 -23.60 15.09 9.17
C GLY A 218 -22.88 14.48 7.98
N ILE A 219 -22.07 13.45 8.24
CA ILE A 219 -21.28 12.77 7.21
C ILE A 219 -21.56 11.26 7.21
N GLN A 220 -21.91 10.70 6.06
CA GLN A 220 -22.22 9.29 6.08
C GLN A 220 -20.96 8.45 6.31
N LEU A 221 -20.98 7.64 7.37
CA LEU A 221 -19.80 6.89 7.82
C LEU A 221 -20.05 5.40 7.90
N LEU A 222 -21.30 5.03 8.16
CA LEU A 222 -21.70 3.64 8.25
C LEU A 222 -22.31 3.25 6.91
N ASN A 223 -22.11 2.01 6.48
CA ASN A 223 -22.77 1.49 5.25
C ASN A 223 -22.24 2.10 3.96
N THR A 224 -21.16 2.84 4.06
CA THR A 224 -20.53 3.53 2.94
C THR A 224 -19.88 2.58 1.91
N PRO A 225 -19.74 3.01 0.63
CA PRO A 225 -19.05 2.12 -0.34
C PRO A 225 -17.62 1.70 0.08
N ALA A 226 -17.26 0.46 -0.22
CA ALA A 226 -15.90 -0.08 0.03
C ALA A 226 -14.85 0.86 -0.57
N PRO A 227 -13.93 1.35 0.26
CA PRO A 227 -13.10 2.48 -0.16
C PRO A 227 -11.89 1.99 -0.93
N LEU A 228 -11.19 2.85 -1.62
CA LEU A 228 -10.00 2.33 -2.35
C LEU A 228 -8.91 1.88 -1.35
N PRO A 229 -7.93 1.10 -1.82
CA PRO A 229 -6.74 0.88 -0.97
C PRO A 229 -6.03 2.19 -0.75
N THR A 230 -5.20 2.28 0.31
CA THR A 230 -4.32 3.41 0.56
C THR A 230 -3.38 3.71 -0.63
N SER A 231 -3.28 4.98 -1.00
CA SER A 231 -2.44 5.44 -2.11
C SER A 231 -1.14 6.07 -1.59
N CYS A 232 -0.25 6.51 -2.49
CA CYS A 232 1.04 7.05 -2.06
C CYS A 232 1.06 8.55 -2.26
N ASN A 233 1.52 9.31 -1.26
CA ASN A 233 1.81 10.70 -1.55
C ASN A 233 3.30 10.81 -1.95
N PRO A 234 3.57 11.14 -3.24
CA PRO A 234 4.95 11.05 -3.78
C PRO A 234 6.02 11.63 -2.86
N SER A 235 5.74 12.79 -2.27
CA SER A 235 6.73 13.48 -1.40
C SER A 235 6.80 12.95 0.07
N ASP A 236 6.08 11.89 0.36
CA ASP A 236 6.21 11.15 1.61
C ASP A 236 6.94 9.82 1.41
N MET A 237 7.41 9.56 0.19
CA MET A 237 8.08 8.30 -0.08
C MET A 237 9.61 8.44 0.12
N SER A 238 10.26 7.35 0.48
CA SER A 238 11.69 7.28 0.33
C SER A 238 11.96 7.07 -1.14
N HIS A 239 12.79 7.94 -1.71
CA HIS A 239 13.19 7.88 -3.10
C HIS A 239 14.65 7.39 -3.16
N GLY A 240 14.91 6.42 -4.03
CA GLY A 240 16.23 5.79 -4.11
C GLY A 240 16.77 5.84 -5.53
N TYR A 241 18.09 5.97 -5.66
CA TYR A 241 18.76 6.18 -6.94
C TYR A 241 20.00 5.32 -7.02
N VAL A 242 20.15 4.56 -8.09
CA VAL A 242 21.33 3.71 -8.28
C VAL A 242 21.84 3.92 -9.68
N THR A 243 23.12 4.25 -9.78
CA THR A 243 23.85 4.33 -11.04
C THR A 243 24.30 2.91 -11.46
N VAL A 244 23.63 2.36 -12.46
CA VAL A 244 23.94 1.03 -12.96
C VAL A 244 25.04 1.07 -14.01
N LYS A 245 25.42 2.28 -14.42
CA LYS A 245 26.52 2.49 -15.37
C LYS A 245 26.59 3.97 -15.77
N PRO A 246 27.75 4.41 -16.30
CA PRO A 246 28.06 5.83 -16.43
C PRO A 246 26.91 6.73 -16.87
N ARG A 247 26.25 6.45 -17.97
CA ARG A 247 25.20 7.39 -18.38
C ARG A 247 23.79 7.08 -17.82
N VAL A 248 23.68 6.15 -16.86
CA VAL A 248 22.37 5.57 -16.54
C VAL A 248 22.07 5.37 -15.05
N ARG A 249 21.13 6.14 -14.55
CA ARG A 249 20.66 6.00 -13.19
C ARG A 249 19.19 5.52 -13.14
N LEU A 250 18.89 4.68 -12.16
CA LEU A 250 17.56 4.15 -11.98
C LEU A 250 17.00 4.70 -10.67
N HIS A 251 15.78 5.22 -10.74
CA HIS A 251 15.11 5.78 -9.58
C HIS A 251 14.08 4.76 -9.19
N PHE A 252 13.72 4.73 -7.91
CA PHE A 252 12.63 3.89 -7.40
C PHE A 252 12.13 4.49 -6.08
N VAL A 253 10.97 4.05 -5.65
CA VAL A 253 10.39 4.44 -4.38
C VAL A 253 10.36 3.14 -3.59
N GLU A 254 10.52 3.22 -2.28
CA GLU A 254 10.81 2.02 -1.46
C GLU A 254 9.99 2.06 -0.21
N LEU A 255 9.24 1.00 0.09
CA LEU A 255 8.46 0.99 1.36
C LEU A 255 8.37 -0.41 1.93
N GLY A 256 8.61 -0.55 3.23
CA GLY A 256 8.44 -1.86 3.86
C GLY A 256 9.71 -2.67 4.08
N SER A 257 9.58 -3.67 4.96
CA SER A 257 10.61 -4.66 5.25
C SER A 257 10.10 -6.04 4.90
N GLY A 258 11.02 -6.98 4.67
CA GLY A 258 10.67 -8.34 4.19
C GLY A 258 11.31 -8.71 2.87
N PRO A 259 10.87 -9.81 2.23
CA PRO A 259 11.49 -10.16 0.95
C PRO A 259 11.28 -9.06 -0.05
N ALA A 260 12.32 -8.77 -0.85
CA ALA A 260 12.28 -7.67 -1.82
C ALA A 260 11.34 -8.01 -3.01
N VAL A 261 10.51 -7.04 -3.39
CA VAL A 261 9.46 -7.20 -4.39
C VAL A 261 9.59 -6.00 -5.30
N CYS A 262 9.88 -6.24 -6.57
CA CYS A 262 10.26 -5.17 -7.46
C CYS A 262 9.18 -5.00 -8.54
N LEU A 263 8.53 -3.84 -8.54
CA LEU A 263 7.41 -3.56 -9.42
C LEU A 263 7.88 -2.85 -10.71
N CYS A 264 7.50 -3.41 -11.84
CA CYS A 264 7.95 -2.86 -13.12
C CYS A 264 6.74 -2.42 -13.94
N HIS A 265 6.51 -1.11 -13.99
CA HIS A 265 5.39 -0.51 -14.76
C HIS A 265 5.45 -0.68 -16.31
N GLY A 266 4.32 -0.42 -16.98
CA GLY A 266 4.22 -0.53 -18.47
C GLY A 266 4.51 0.75 -19.26
N PHE A 267 4.13 0.75 -20.56
CA PHE A 267 4.16 1.94 -21.44
C PHE A 267 2.78 2.60 -21.46
N PRO A 268 2.70 3.93 -21.28
CA PRO A 268 3.73 4.88 -20.90
C PRO A 268 3.46 5.34 -19.49
N GLU A 269 4.00 4.64 -18.51
CA GLU A 269 3.62 4.85 -17.13
C GLU A 269 4.75 5.40 -16.23
N SER A 270 4.97 4.79 -15.08
CA SER A 270 5.69 5.43 -13.96
C SER A 270 5.55 4.55 -12.70
N TRP A 271 6.46 4.75 -11.74
CA TRP A 271 6.33 4.05 -10.46
C TRP A 271 4.97 4.31 -9.91
N TYR A 272 4.44 5.51 -10.14
CA TYR A 272 3.16 5.93 -9.59
C TYR A 272 2.00 5.03 -9.99
N SER A 273 2.07 4.42 -11.16
CA SER A 273 1.07 3.38 -11.50
C SER A 273 0.84 2.32 -10.41
N TRP A 274 1.84 2.12 -9.54
CA TRP A 274 1.74 1.16 -8.44
C TRP A 274 1.23 1.77 -7.09
N ARG A 275 0.75 3.03 -7.12
CA ARG A 275 0.32 3.70 -5.88
C ARG A 275 -0.64 2.92 -4.99
N TYR A 276 -1.51 2.13 -5.59
CA TYR A 276 -2.46 1.39 -4.78
C TYR A 276 -1.88 0.08 -4.22
N GLN A 277 -0.85 -0.47 -4.85
CA GLN A 277 -0.22 -1.72 -4.33
C GLN A 277 0.86 -1.49 -3.29
N ILE A 278 1.57 -0.36 -3.40
CA ILE A 278 2.75 -0.12 -2.58
C ILE A 278 2.52 -0.22 -1.04
N PRO A 279 1.53 0.53 -0.50
CA PRO A 279 1.15 0.39 0.94
C PRO A 279 0.75 -1.05 1.33
N ALA A 280 -0.24 -1.61 0.65
CA ALA A 280 -0.76 -2.97 0.93
C ALA A 280 0.29 -4.08 0.94
N LEU A 281 1.21 -4.07 -0.02
CA LEU A 281 2.34 -5.05 0.01
C LEU A 281 3.40 -4.79 1.14
N ALA A 282 3.62 -3.52 1.48
CA ALA A 282 4.50 -3.25 2.61
C ALA A 282 3.79 -3.81 3.83
N GLN A 283 2.53 -3.39 3.99
CA GLN A 283 1.63 -3.90 5.01
C GLN A 283 1.58 -5.43 5.09
N ALA A 284 1.57 -6.10 3.96
CA ALA A 284 1.55 -7.56 3.96
C ALA A 284 2.93 -8.15 4.21
N GLY A 285 3.90 -7.32 4.59
CA GLY A 285 5.22 -7.82 5.00
C GLY A 285 6.28 -7.95 3.90
N TYR A 286 6.32 -7.00 2.96
CA TYR A 286 7.22 -7.08 1.83
C TYR A 286 7.97 -5.78 1.61
N ARG A 287 9.17 -5.87 1.00
CA ARG A 287 10.00 -4.69 0.73
C ARG A 287 9.74 -4.30 -0.69
N VAL A 288 8.89 -3.29 -0.82
CA VAL A 288 8.49 -2.91 -2.13
C VAL A 288 9.51 -1.94 -2.71
N LEU A 289 10.08 -2.30 -3.86
CA LEU A 289 10.83 -1.36 -4.70
C LEU A 289 10.05 -1.09 -6.01
N ALA A 290 9.37 0.05 -6.08
CA ALA A 290 8.61 0.40 -7.31
C ALA A 290 9.47 1.26 -8.17
N MET A 291 9.78 0.82 -9.39
CA MET A 291 10.70 1.55 -10.26
C MET A 291 10.07 2.66 -11.09
N ASP A 292 10.92 3.63 -11.45
CA ASP A 292 10.85 4.26 -12.76
C ASP A 292 11.74 3.42 -13.68
N MET A 293 11.15 2.83 -14.72
CA MET A 293 11.90 1.95 -15.61
C MET A 293 12.70 2.85 -16.53
N LYS A 294 13.85 2.38 -16.99
CA LYS A 294 14.66 3.15 -17.97
C LYS A 294 13.79 3.92 -19.01
N GLY A 295 14.04 5.22 -19.12
CA GLY A 295 13.27 6.08 -20.06
C GLY A 295 12.23 7.02 -19.43
N TYR A 296 11.78 6.66 -18.21
CA TYR A 296 10.77 7.43 -17.52
C TYR A 296 11.23 8.18 -16.29
N GLY A 297 10.48 9.25 -16.01
CA GLY A 297 10.45 9.86 -14.68
C GLY A 297 11.84 10.32 -14.34
N GLU A 298 12.28 9.98 -13.13
CA GLU A 298 13.62 10.33 -12.67
C GLU A 298 14.70 9.31 -13.02
N SER A 299 14.35 8.27 -13.79
CA SER A 299 15.38 7.36 -14.31
C SER A 299 15.95 8.00 -15.55
N SER A 300 17.16 7.60 -15.91
CA SER A 300 17.87 8.17 -17.03
C SER A 300 17.17 7.77 -18.30
N ALA A 301 17.39 8.56 -19.36
CA ALA A 301 16.76 8.32 -20.63
C ALA A 301 17.70 8.64 -21.78
N PRO A 302 18.77 7.86 -21.95
CA PRO A 302 19.59 8.12 -23.14
C PRO A 302 18.76 8.01 -24.41
N PRO A 303 19.14 8.79 -25.46
CA PRO A 303 18.46 8.81 -26.77
C PRO A 303 18.46 7.49 -27.53
N GLU A 304 19.55 6.72 -27.44
CA GLU A 304 19.83 5.65 -28.41
C GLU A 304 18.86 4.50 -28.31
N ILE A 305 18.42 3.98 -29.44
CA ILE A 305 17.46 2.88 -29.49
C ILE A 305 17.95 1.62 -28.79
N GLU A 306 19.25 1.30 -28.93
CA GLU A 306 19.87 0.04 -28.43
C GLU A 306 19.90 0.01 -26.91
N GLU A 307 19.98 1.18 -26.29
CA GLU A 307 19.83 1.30 -24.84
C GLU A 307 18.52 0.67 -24.30
N TYR A 308 17.55 0.32 -25.16
CA TYR A 308 16.26 -0.24 -24.71
C TYR A 308 15.88 -1.62 -25.26
N CYS A 309 16.80 -2.36 -25.88
CA CYS A 309 16.51 -3.77 -26.13
C CYS A 309 16.41 -4.48 -24.77
N MET A 310 15.67 -5.57 -24.67
CA MET A 310 15.52 -6.23 -23.36
C MET A 310 16.81 -6.85 -22.81
N GLU A 311 17.71 -7.30 -23.67
CA GLU A 311 18.95 -7.87 -23.14
C GLU A 311 19.60 -6.86 -22.21
N VAL A 312 19.63 -5.59 -22.63
CA VAL A 312 20.27 -4.50 -21.89
C VAL A 312 19.41 -4.02 -20.71
N LEU A 313 18.12 -3.86 -20.94
CA LEU A 313 17.22 -3.58 -19.84
C LEU A 313 17.35 -4.62 -18.73
N CYS A 314 17.47 -5.89 -19.11
CA CYS A 314 17.59 -6.98 -18.12
C CYS A 314 18.93 -6.91 -17.38
N LYS A 315 20.06 -6.90 -18.10
CA LYS A 315 21.37 -6.89 -17.48
C LYS A 315 21.29 -5.76 -16.50
N GLU A 316 20.78 -4.61 -16.94
CA GLU A 316 20.68 -3.44 -16.07
C GLU A 316 19.90 -3.64 -14.75
N MET A 317 18.81 -4.42 -14.80
CA MET A 317 17.99 -4.70 -13.62
C MET A 317 18.76 -5.61 -12.69
N VAL A 318 19.57 -6.50 -13.26
CA VAL A 318 20.45 -7.34 -12.48
C VAL A 318 21.53 -6.52 -11.73
N THR A 319 22.20 -5.61 -12.45
CA THR A 319 23.17 -4.68 -11.84
C THR A 319 22.53 -3.93 -10.67
N PHE A 320 21.25 -3.60 -10.82
CA PHE A 320 20.46 -2.85 -9.82
C PHE A 320 20.33 -3.70 -8.56
N LEU A 321 20.07 -4.98 -8.71
CA LEU A 321 20.14 -5.86 -7.56
C LEU A 321 21.56 -5.87 -6.94
N ASP A 322 22.59 -5.96 -7.80
CA ASP A 322 23.99 -6.05 -7.37
C ASP A 322 24.32 -4.88 -6.47
N LYS A 323 24.00 -3.67 -6.93
CA LYS A 323 24.42 -2.47 -6.23
C LYS A 323 23.59 -2.20 -4.96
N LEU A 324 22.38 -2.75 -4.93
CA LEU A 324 21.56 -2.67 -3.76
C LEU A 324 21.94 -3.75 -2.78
N GLY A 325 22.83 -4.66 -3.20
CA GLY A 325 23.23 -5.80 -2.37
C GLY A 325 22.10 -6.83 -2.20
N LEU A 326 21.26 -7.01 -3.24
CA LEU A 326 20.14 -7.94 -3.19
C LEU A 326 20.46 -9.14 -4.04
N SER A 327 20.38 -10.34 -3.47
CA SER A 327 20.74 -11.52 -4.26
C SER A 327 19.57 -11.95 -5.16
N GLN A 328 18.35 -11.71 -4.67
CA GLN A 328 17.16 -12.02 -5.43
C GLN A 328 16.08 -10.97 -5.24
N ALA A 329 15.11 -10.95 -6.15
CA ALA A 329 13.87 -10.26 -5.79
C ALA A 329 12.74 -10.94 -6.49
N VAL A 330 11.53 -10.72 -5.97
CA VAL A 330 10.30 -11.00 -6.70
C VAL A 330 10.09 -9.94 -7.78
N PHE A 331 9.92 -10.34 -9.05
CA PHE A 331 9.59 -9.39 -10.11
C PHE A 331 8.15 -9.50 -10.55
N ILE A 332 7.46 -8.39 -10.44
CA ILE A 332 6.08 -8.29 -10.78
C ILE A 332 5.98 -7.19 -11.81
N GLY A 333 5.49 -7.48 -13.01
CA GLY A 333 5.37 -6.47 -14.07
C GLY A 333 4.01 -6.35 -14.70
N HIS A 334 3.75 -5.21 -15.33
CA HIS A 334 2.50 -4.96 -16.04
C HIS A 334 2.89 -4.40 -17.42
N ASP A 335 2.13 -4.77 -18.45
CA ASP A 335 2.38 -4.29 -19.83
C ASP A 335 3.84 -4.57 -20.25
N TRP A 336 4.59 -3.55 -20.70
CA TRP A 336 6.01 -3.75 -21.08
C TRP A 336 6.84 -4.39 -19.98
N GLY A 337 6.56 -3.97 -18.74
CA GLY A 337 7.23 -4.44 -17.51
C GLY A 337 6.98 -5.93 -17.31
N GLY A 338 5.79 -6.36 -17.71
CA GLY A 338 5.41 -7.77 -17.67
C GLY A 338 6.23 -8.61 -18.63
N MET A 339 6.49 -8.10 -19.85
CA MET A 339 7.30 -8.80 -20.86
C MET A 339 8.72 -8.95 -20.37
N LEU A 340 9.19 -7.89 -19.74
CA LEU A 340 10.54 -7.82 -19.26
C LEU A 340 10.77 -8.80 -18.10
N VAL A 341 9.78 -9.00 -17.24
CA VAL A 341 10.00 -9.85 -16.07
C VAL A 341 10.04 -11.32 -16.46
N TRP A 342 9.18 -11.75 -17.39
CA TRP A 342 9.28 -13.10 -17.97
C TRP A 342 10.69 -13.33 -18.53
N TYR A 343 11.28 -12.33 -19.19
CA TYR A 343 12.66 -12.54 -19.69
C TYR A 343 13.72 -12.55 -18.57
N MET A 344 13.43 -11.88 -17.46
CA MET A 344 14.24 -11.97 -16.27
C MET A 344 14.20 -13.41 -15.73
N ALA A 345 13.02 -14.02 -15.75
CA ALA A 345 12.88 -15.39 -15.29
C ALA A 345 13.70 -16.27 -16.18
N LEU A 346 13.56 -16.11 -17.50
CA LEU A 346 14.25 -16.97 -18.48
C LEU A 346 15.76 -16.82 -18.56
N PHE A 347 16.27 -15.63 -18.32
CA PHE A 347 17.73 -15.37 -18.42
C PHE A 347 18.52 -15.25 -17.11
N TYR A 348 17.82 -14.98 -16.01
CA TYR A 348 18.45 -14.86 -14.69
C TYR A 348 17.57 -15.47 -13.57
N PRO A 349 17.20 -16.77 -13.70
CA PRO A 349 16.35 -17.36 -12.65
C PRO A 349 17.00 -17.36 -11.27
N GLU A 350 18.34 -17.30 -11.17
CA GLU A 350 19.00 -17.20 -9.86
C GLU A 350 18.66 -15.89 -9.14
N ARG A 351 18.30 -14.85 -9.90
CA ARG A 351 18.01 -13.53 -9.33
C ARG A 351 16.52 -13.32 -9.03
N VAL A 352 15.67 -14.16 -9.60
CA VAL A 352 14.23 -14.00 -9.42
C VAL A 352 13.71 -15.04 -8.42
N ARG A 353 13.21 -14.54 -7.29
CA ARG A 353 12.58 -15.35 -6.25
C ARG A 353 11.22 -15.92 -6.75
N ALA A 354 10.49 -15.14 -7.52
CA ALA A 354 9.19 -15.51 -8.03
C ALA A 354 8.93 -14.51 -9.14
N VAL A 355 8.17 -14.88 -10.17
CA VAL A 355 7.80 -13.91 -11.24
C VAL A 355 6.28 -13.81 -11.43
N ALA A 356 5.81 -12.59 -11.63
CA ALA A 356 4.40 -12.29 -11.81
C ALA A 356 4.18 -11.24 -12.91
N SER A 357 3.19 -11.46 -13.79
CA SER A 357 2.79 -10.47 -14.77
C SER A 357 1.29 -10.22 -14.75
N LEU A 358 0.90 -8.95 -14.90
CA LEU A 358 -0.51 -8.54 -15.10
C LEU A 358 -0.61 -8.29 -16.57
N ASN A 359 -1.69 -8.79 -17.17
CA ASN A 359 -2.05 -8.68 -18.61
C ASN A 359 -1.15 -9.33 -19.64
N THR A 360 0.14 -8.99 -19.62
CA THR A 360 1.13 -9.50 -20.56
C THR A 360 1.39 -11.03 -20.46
N PRO A 361 0.94 -11.81 -21.47
CA PRO A 361 1.25 -13.24 -21.46
C PRO A 361 2.73 -13.42 -21.72
N PHE A 362 3.27 -14.59 -21.38
CA PHE A 362 4.59 -14.90 -21.86
C PHE A 362 4.34 -15.54 -23.20
N ILE A 363 5.00 -15.02 -24.23
CA ILE A 363 4.92 -15.63 -25.57
C ILE A 363 6.33 -15.78 -26.14
N PRO A 364 6.69 -17.01 -26.48
CA PRO A 364 7.98 -17.37 -27.06
C PRO A 364 8.17 -16.69 -28.41
N ALA A 365 9.41 -16.47 -28.81
CA ALA A 365 9.71 -16.03 -30.16
C ALA A 365 9.34 -17.15 -31.13
N ASN A 366 8.89 -16.76 -32.32
CA ASN A 366 8.69 -17.69 -33.42
C ASN A 366 9.94 -17.70 -34.30
N PRO A 367 10.78 -18.73 -34.17
CA PRO A 367 12.05 -18.68 -34.92
C PRO A 367 11.90 -18.71 -36.46
N ASN A 368 10.69 -18.95 -36.97
CA ASN A 368 10.46 -19.00 -38.43
C ASN A 368 10.01 -17.68 -39.03
N MET A 369 9.49 -16.79 -38.19
CA MET A 369 8.81 -15.60 -38.67
C MET A 369 9.37 -14.38 -37.97
N SER A 370 9.86 -13.41 -38.75
CA SER A 370 10.26 -12.11 -38.18
C SER A 370 9.07 -11.51 -37.43
N PRO A 371 9.34 -10.87 -36.29
CA PRO A 371 8.32 -10.32 -35.40
C PRO A 371 7.60 -9.08 -35.94
N LEU A 372 8.20 -8.37 -36.90
CA LEU A 372 7.49 -7.29 -37.61
C LEU A 372 6.39 -7.89 -38.47
N GLU A 373 6.70 -8.98 -39.16
CA GLU A 373 5.75 -9.70 -39.98
C GLU A 373 4.64 -10.25 -39.08
N SER A 374 5.04 -10.97 -38.04
CA SER A 374 4.16 -11.48 -36.98
C SER A 374 3.15 -10.42 -36.62
N ILE A 375 3.64 -9.22 -36.31
CA ILE A 375 2.84 -8.09 -35.82
C ILE A 375 1.69 -7.68 -36.74
N LYS A 376 1.93 -7.76 -38.05
CA LYS A 376 0.91 -7.45 -39.04
C LYS A 376 -0.22 -8.50 -39.03
N ALA A 377 0.06 -9.69 -38.49
CA ALA A 377 -0.95 -10.74 -38.31
C ALA A 377 -2.01 -10.44 -37.24
N ASN A 378 -1.79 -9.41 -36.42
CA ASN A 378 -2.81 -9.04 -35.44
C ASN A 378 -3.16 -7.56 -35.42
N PRO A 379 -4.19 -7.21 -36.22
CA PRO A 379 -4.61 -5.83 -36.42
C PRO A 379 -4.53 -5.01 -35.14
N VAL A 380 -4.83 -5.62 -34.00
CA VAL A 380 -4.85 -4.89 -32.73
C VAL A 380 -3.49 -4.32 -32.34
N PHE A 381 -2.43 -4.87 -32.93
CA PHE A 381 -1.09 -4.38 -32.73
C PHE A 381 -0.63 -3.38 -33.79
N ASP A 382 -1.56 -2.85 -34.60
CA ASP A 382 -1.25 -1.79 -35.57
C ASP A 382 -0.45 -0.60 -34.96
N TYR A 383 -0.80 -0.20 -33.73
CA TYR A 383 -0.10 0.88 -33.04
C TYR A 383 1.42 0.66 -32.90
N GLN A 384 1.86 -0.61 -32.85
CA GLN A 384 3.27 -0.91 -32.69
C GLN A 384 4.06 -0.56 -33.95
N LEU A 385 3.40 -0.53 -35.10
CA LEU A 385 4.10 -0.15 -36.33
C LEU A 385 4.25 1.37 -36.40
N TYR A 386 3.21 2.06 -35.96
CA TYR A 386 3.21 3.49 -35.88
C TYR A 386 4.37 4.00 -35.01
N PHE A 387 4.74 3.20 -34.01
CA PHE A 387 5.76 3.58 -33.05
C PHE A 387 7.20 3.44 -33.61
N GLN A 388 7.32 2.88 -34.80
CA GLN A 388 8.66 2.51 -35.30
C GLN A 388 9.52 3.69 -35.71
N GLU A 389 8.93 4.59 -36.48
CA GLU A 389 9.64 5.72 -37.08
C GLU A 389 9.99 6.74 -36.02
N PRO A 390 11.28 6.84 -35.67
CA PRO A 390 11.66 7.83 -34.67
C PRO A 390 11.17 9.26 -35.05
N GLY A 391 10.35 9.84 -34.17
CA GLY A 391 9.89 11.22 -34.32
C GLY A 391 8.39 11.26 -34.41
N VAL A 392 7.85 10.46 -35.33
CA VAL A 392 6.43 10.51 -35.59
C VAL A 392 5.61 10.45 -34.27
N ALA A 393 5.69 9.34 -33.53
CA ALA A 393 4.85 9.16 -32.35
C ALA A 393 5.23 10.05 -31.20
N GLU A 394 6.50 10.44 -31.12
CA GLU A 394 6.87 11.40 -30.09
C GLU A 394 6.01 12.67 -30.21
N ALA A 395 5.84 13.12 -31.44
CA ALA A 395 5.29 14.46 -31.69
C ALA A 395 3.82 14.52 -31.34
N GLU A 396 3.08 13.47 -31.69
CA GLU A 396 1.68 13.37 -31.27
C GLU A 396 1.58 13.28 -29.76
N LEU A 397 2.38 12.41 -29.16
CA LEU A 397 2.27 12.15 -27.74
C LEU A 397 2.77 13.28 -26.84
N GLU A 398 3.76 14.06 -27.31
CA GLU A 398 4.34 15.16 -26.53
C GLU A 398 3.63 16.47 -26.77
N GLN A 399 2.64 16.45 -27.66
CA GLN A 399 2.00 17.67 -28.09
C GLN A 399 1.14 18.25 -26.96
N ASN A 400 0.24 17.45 -26.43
CA ASN A 400 -0.53 17.87 -25.29
C ASN A 400 -0.48 16.75 -24.26
N LEU A 401 0.33 16.92 -23.22
CA LEU A 401 0.55 15.85 -22.23
C LEU A 401 -0.71 15.51 -21.43
N SER A 402 -1.42 16.55 -21.03
CA SER A 402 -2.69 16.38 -20.35
C SER A 402 -3.68 15.56 -21.18
N ARG A 403 -3.94 16.01 -22.40
CA ARG A 403 -4.74 15.27 -23.36
C ARG A 403 -4.26 13.80 -23.51
N THR A 404 -2.97 13.61 -23.74
CA THR A 404 -2.39 12.28 -23.79
C THR A 404 -2.84 11.35 -22.63
N PHE A 405 -2.60 11.74 -21.38
CA PHE A 405 -2.89 10.79 -20.31
C PHE A 405 -4.38 10.67 -20.03
N LYS A 406 -5.07 11.81 -20.11
CA LYS A 406 -6.51 11.82 -19.99
C LYS A 406 -7.18 10.93 -21.06
N SER A 407 -6.60 10.88 -22.28
CA SER A 407 -7.00 9.93 -23.35
C SER A 407 -6.65 8.45 -23.11
N LEU A 408 -5.42 8.18 -22.69
CA LEU A 408 -4.92 6.81 -22.52
C LEU A 408 -5.50 6.11 -21.28
N PHE A 409 -5.56 6.82 -20.16
CA PHE A 409 -5.91 6.22 -18.89
C PHE A 409 -7.44 6.18 -18.67
N ARG A 410 -8.10 5.17 -19.21
CA ARG A 410 -9.56 5.10 -19.13
C ARG A 410 -10.00 3.67 -18.86
N ALA A 411 -11.13 3.53 -18.15
CA ALA A 411 -11.77 2.22 -17.88
C ALA A 411 -12.31 1.62 -19.16
N SER A 412 -12.58 0.32 -19.13
CA SER A 412 -12.97 -0.44 -20.34
C SER A 412 -14.22 0.10 -21.04
N ASP A 413 -15.12 0.69 -20.25
CA ASP A 413 -16.35 1.28 -20.78
C ASP A 413 -16.23 2.80 -21.03
N GLU A 414 -15.01 3.30 -21.20
CA GLU A 414 -14.77 4.73 -21.21
C GLU A 414 -13.91 5.13 -22.39
N SER A 415 -13.54 4.12 -23.19
CA SER A 415 -12.56 4.25 -24.26
C SER A 415 -12.95 5.28 -25.31
N VAL A 416 -12.02 6.19 -25.62
CA VAL A 416 -12.26 7.26 -26.60
C VAL A 416 -11.39 7.12 -27.86
N LEU A 417 -10.80 5.96 -28.06
CA LEU A 417 -9.97 5.72 -29.25
C LEU A 417 -10.03 4.26 -29.68
N SER A 418 -10.17 4.02 -30.98
CA SER A 418 -10.07 2.66 -31.52
C SER A 418 -8.66 2.35 -32.05
N MET A 419 -8.08 1.24 -31.57
CA MET A 419 -6.74 0.77 -31.94
C MET A 419 -6.64 0.33 -33.39
N HIS A 420 -7.67 0.70 -34.15
CA HIS A 420 -7.87 0.22 -35.51
C HIS A 420 -7.40 1.19 -36.58
N LYS A 421 -6.41 0.72 -37.33
CA LYS A 421 -5.88 1.40 -38.52
C LYS A 421 -5.18 2.73 -38.18
N VAL A 422 -4.40 2.68 -37.09
CA VAL A 422 -3.63 3.81 -36.56
C VAL A 422 -2.66 4.41 -37.60
N CYS A 423 -1.95 3.54 -38.31
CA CYS A 423 -1.07 4.01 -39.39
C CYS A 423 -1.86 4.69 -40.52
N GLU A 424 -2.94 4.03 -40.96
CA GLU A 424 -3.85 4.55 -41.99
C GLU A 424 -4.33 5.97 -41.59
N ALA A 425 -4.84 6.09 -40.37
CA ALA A 425 -5.42 7.34 -39.87
C ALA A 425 -4.38 8.42 -39.61
N GLY A 426 -3.17 8.01 -39.25
CA GLY A 426 -2.09 8.95 -39.05
C GLY A 426 -1.73 9.34 -37.62
N GLY A 427 -2.37 8.69 -36.65
CA GLY A 427 -2.05 8.90 -35.24
C GLY A 427 -2.93 8.15 -34.30
N LEU A 428 -2.51 8.08 -33.05
CA LEU A 428 -3.29 7.38 -32.04
C LEU A 428 -4.53 8.17 -31.66
N PHE A 429 -4.42 9.51 -31.69
CA PHE A 429 -5.49 10.39 -31.19
C PHE A 429 -6.24 11.13 -32.30
N VAL A 430 -6.06 10.68 -33.55
CA VAL A 430 -6.63 11.35 -34.71
C VAL A 430 -8.13 11.62 -34.60
N ASN A 431 -8.87 10.65 -34.08
CA ASN A 431 -10.30 10.92 -33.91
C ASN A 431 -10.74 10.89 -32.46
N SER A 432 -9.96 11.52 -31.59
CA SER A 432 -10.40 11.73 -30.19
C SER A 432 -10.42 13.21 -29.76
N PRO A 433 -11.09 13.55 -28.64
CA PRO A 433 -11.28 14.96 -28.26
C PRO A 433 -9.97 15.72 -27.98
N GLU A 434 -10.04 17.05 -28.02
CA GLU A 434 -8.94 17.91 -27.54
C GLU A 434 -8.96 17.87 -26.05
N GLU A 435 -10.14 18.12 -25.47
CA GLU A 435 -10.32 18.11 -24.01
C GLU A 435 -11.18 16.92 -23.52
N PRO A 436 -10.56 15.73 -23.29
CA PRO A 436 -11.32 14.55 -22.84
C PRO A 436 -11.78 14.70 -21.39
N SER A 437 -12.96 14.17 -21.09
CA SER A 437 -13.44 14.09 -19.73
C SER A 437 -12.42 13.28 -18.88
N LEU A 438 -12.49 13.50 -17.57
CA LEU A 438 -11.69 12.76 -16.65
C LEU A 438 -12.31 11.37 -16.51
N SER A 439 -11.47 10.35 -16.58
CA SER A 439 -11.87 8.98 -16.31
C SER A 439 -12.34 8.87 -14.86
N ARG A 440 -13.19 7.91 -14.53
CA ARG A 440 -13.57 7.67 -13.12
C ARG A 440 -12.39 7.11 -12.29
N MET A 441 -11.32 6.73 -12.97
CA MET A 441 -10.20 6.02 -12.35
C MET A 441 -9.11 6.93 -11.79
N VAL A 442 -9.11 8.19 -12.20
CA VAL A 442 -8.00 9.10 -11.87
C VAL A 442 -8.47 10.49 -11.51
N THR A 443 -7.79 11.16 -10.58
CA THR A 443 -8.20 12.52 -10.25
C THR A 443 -7.44 13.48 -11.16
N GLU A 444 -7.86 14.75 -11.18
CA GLU A 444 -7.12 15.72 -11.96
C GLU A 444 -5.64 15.71 -11.55
N GLU A 445 -5.37 15.68 -10.24
CA GLU A 445 -3.98 15.79 -9.70
C GLU A 445 -3.12 14.64 -10.19
N GLU A 446 -3.66 13.42 -10.13
CA GLU A 446 -2.92 12.23 -10.58
C GLU A 446 -2.48 12.27 -12.05
N ILE A 447 -3.32 12.87 -12.90
CA ILE A 447 -2.96 13.15 -14.29
C ILE A 447 -1.77 14.13 -14.37
N GLN A 448 -1.83 15.18 -13.55
CA GLN A 448 -0.78 16.21 -13.56
C GLN A 448 0.59 15.70 -13.09
N PHE A 449 0.62 14.86 -12.05
CA PHE A 449 1.86 14.19 -11.68
C PHE A 449 2.46 13.45 -12.90
N TYR A 450 1.68 12.63 -13.59
CA TYR A 450 2.19 12.00 -14.83
C TYR A 450 2.69 13.06 -15.81
N VAL A 451 1.86 14.07 -16.06
CA VAL A 451 2.24 15.15 -16.95
C VAL A 451 3.63 15.69 -16.55
N GLN A 452 3.81 15.97 -15.25
CA GLN A 452 5.06 16.57 -14.81
C GLN A 452 6.22 15.58 -15.05
N GLN A 453 6.00 14.31 -14.75
CA GLN A 453 7.02 13.29 -14.98
C GLN A 453 7.50 13.36 -16.41
N PHE A 454 6.58 13.23 -17.36
CA PHE A 454 6.98 13.17 -18.76
C PHE A 454 7.61 14.47 -19.32
N LYS A 455 7.49 15.57 -18.57
CA LYS A 455 8.17 16.82 -18.92
C LYS A 455 9.68 16.70 -18.82
N LYS A 456 10.16 15.77 -17.97
CA LYS A 456 11.59 15.56 -17.88
C LYS A 456 12.12 15.02 -19.21
N SER A 457 11.61 13.88 -19.68
CA SER A 457 12.27 13.29 -20.85
C SER A 457 11.42 12.96 -22.06
N GLY A 458 10.12 13.25 -21.98
CA GLY A 458 9.17 12.95 -23.05
C GLY A 458 9.14 11.47 -23.43
N PHE A 459 8.80 11.20 -24.68
CA PHE A 459 8.41 9.88 -25.06
C PHE A 459 9.43 9.16 -25.90
N ARG A 460 10.60 9.77 -26.14
CA ARG A 460 11.67 9.11 -26.90
C ARG A 460 12.13 7.79 -26.26
N GLY A 461 12.68 7.85 -25.04
CA GLY A 461 12.98 6.63 -24.25
C GLY A 461 11.84 5.61 -24.10
N PRO A 462 10.66 6.04 -23.59
CA PRO A 462 9.55 5.05 -23.58
C PRO A 462 9.30 4.37 -24.93
N LEU A 463 9.20 5.13 -26.01
CA LEU A 463 8.99 4.58 -27.36
C LEU A 463 10.10 3.64 -27.81
N ASN A 464 11.34 3.96 -27.49
CA ASN A 464 12.45 3.07 -27.85
C ASN A 464 12.26 1.61 -27.47
N TRP A 465 11.47 1.33 -26.42
CA TRP A 465 11.19 -0.07 -26.02
C TRP A 465 10.57 -0.86 -27.19
N TYR A 466 9.70 -0.17 -27.98
CA TYR A 466 9.09 -0.76 -29.15
C TYR A 466 9.99 -0.87 -30.35
N ARG A 467 11.24 -0.38 -30.25
CA ARG A 467 12.06 -0.22 -31.47
C ARG A 467 13.25 -1.19 -31.60
N ASN A 468 13.23 -2.28 -30.85
CA ASN A 468 14.27 -3.28 -30.97
C ASN A 468 13.68 -4.67 -31.27
N MET A 469 12.63 -4.73 -32.10
CA MET A 469 11.86 -5.99 -32.29
C MET A 469 12.80 -7.12 -32.75
N GLU A 470 13.53 -6.88 -33.83
CA GLU A 470 14.46 -7.84 -34.41
C GLU A 470 15.55 -8.28 -33.44
N ARG A 471 16.17 -7.31 -32.79
CA ARG A 471 17.22 -7.59 -31.80
C ARG A 471 16.69 -8.42 -30.58
N ASN A 472 15.51 -8.09 -30.08
CA ASN A 472 14.88 -8.84 -28.99
C ASN A 472 14.54 -10.27 -29.40
N TRP A 473 14.08 -10.44 -30.66
CA TRP A 473 13.69 -11.73 -31.24
C TRP A 473 14.93 -12.65 -31.35
N LYS A 474 16.01 -12.13 -31.91
CA LYS A 474 17.26 -12.88 -31.93
C LYS A 474 17.66 -13.35 -30.54
N TRP A 475 17.51 -12.48 -29.55
CA TRP A 475 17.91 -12.79 -28.15
C TRP A 475 16.93 -13.77 -27.50
N ALA A 476 15.64 -13.56 -27.71
CA ALA A 476 14.60 -14.48 -27.23
C ALA A 476 14.80 -15.90 -27.78
N CYS A 477 15.16 -16.00 -29.05
CA CYS A 477 15.41 -17.31 -29.67
C CYS A 477 16.43 -18.17 -28.88
N LYS A 478 17.35 -17.52 -28.17
CA LYS A 478 18.31 -18.26 -27.34
C LYS A 478 17.61 -19.02 -26.23
N SER A 479 16.40 -18.60 -25.84
CA SER A 479 15.69 -19.14 -24.70
C SER A 479 14.69 -20.22 -25.07
N LEU A 480 14.69 -20.62 -26.35
CA LEU A 480 13.66 -21.56 -26.84
C LEU A 480 13.75 -22.98 -26.26
N GLY A 481 14.93 -23.36 -25.75
CA GLY A 481 15.08 -24.67 -25.11
C GLY A 481 14.61 -24.80 -23.66
N ARG A 482 14.29 -23.67 -23.03
CA ARG A 482 14.12 -23.64 -21.59
C ARG A 482 12.65 -23.70 -21.19
N LYS A 483 12.39 -23.79 -19.89
CA LYS A 483 11.04 -23.57 -19.36
C LYS A 483 11.22 -22.70 -18.13
N ILE A 484 10.19 -21.92 -17.79
CA ILE A 484 10.16 -21.19 -16.53
C ILE A 484 9.64 -22.16 -15.46
N LEU A 485 10.54 -22.54 -14.54
CA LEU A 485 10.22 -23.53 -13.53
C LEU A 485 10.23 -22.90 -12.14
N ILE A 486 10.44 -21.59 -12.08
CA ILE A 486 10.42 -20.90 -10.80
C ILE A 486 8.96 -20.48 -10.53
N PRO A 487 8.60 -20.19 -9.27
CA PRO A 487 7.15 -19.91 -9.08
C PRO A 487 6.72 -18.71 -9.93
N ALA A 488 5.50 -18.71 -10.46
CA ALA A 488 5.07 -17.75 -11.50
C ALA A 488 3.55 -17.62 -11.57
N LEU A 489 3.07 -16.38 -11.64
CA LEU A 489 1.63 -16.08 -11.62
C LEU A 489 1.27 -15.28 -12.86
N MET A 490 0.14 -15.61 -13.47
CA MET A 490 -0.37 -14.83 -14.59
C MET A 490 -1.75 -14.31 -14.23
N VAL A 491 -1.96 -13.02 -14.44
CA VAL A 491 -3.24 -12.40 -14.09
C VAL A 491 -3.86 -11.77 -15.34
N THR A 492 -4.97 -12.35 -15.79
CA THR A 492 -5.60 -11.85 -16.98
C THR A 492 -6.71 -10.85 -16.60
N ALA A 493 -6.98 -9.94 -17.54
CA ALA A 493 -7.94 -8.85 -17.33
C ALA A 493 -9.04 -9.01 -18.36
N GLU A 494 -10.27 -9.31 -17.94
CA GLU A 494 -11.34 -9.68 -18.90
C GLU A 494 -11.34 -8.78 -20.14
N LYS A 495 -11.32 -7.46 -19.88
CA LYS A 495 -11.60 -6.40 -20.89
C LYS A 495 -10.41 -5.57 -21.38
N ASP A 496 -9.22 -6.15 -21.33
CA ASP A 496 -8.08 -5.58 -22.00
C ASP A 496 -8.20 -6.04 -23.43
N PHE A 497 -8.38 -5.09 -24.33
CA PHE A 497 -8.77 -5.46 -25.66
C PHE A 497 -7.58 -5.63 -26.56
N VAL A 498 -6.39 -5.38 -25.99
CA VAL A 498 -5.13 -5.58 -26.68
C VAL A 498 -4.49 -6.85 -26.13
N LEU A 499 -4.36 -6.90 -24.80
CA LEU A 499 -3.79 -8.06 -24.16
C LEU A 499 -4.99 -8.86 -23.63
N VAL A 500 -5.62 -9.60 -24.54
CA VAL A 500 -6.80 -10.39 -24.19
C VAL A 500 -6.37 -11.67 -23.45
N PRO A 501 -7.18 -12.10 -22.47
CA PRO A 501 -6.98 -13.35 -21.73
C PRO A 501 -6.57 -14.54 -22.60
N GLN A 502 -7.35 -14.84 -23.64
CA GLN A 502 -6.98 -15.91 -24.60
C GLN A 502 -5.51 -15.87 -25.10
N MET A 503 -4.89 -14.70 -25.16
CA MET A 503 -3.50 -14.59 -25.61
C MET A 503 -2.56 -15.44 -24.75
N SER A 504 -2.97 -15.63 -23.49
CA SER A 504 -2.17 -16.35 -22.48
C SER A 504 -2.42 -17.86 -22.44
N GLN A 505 -3.40 -18.36 -23.20
CA GLN A 505 -3.87 -19.76 -23.10
C GLN A 505 -2.84 -20.87 -23.35
N HIS A 506 -1.68 -20.54 -23.88
CA HIS A 506 -0.70 -21.59 -24.13
C HIS A 506 0.44 -21.63 -23.12
N MET A 507 0.44 -20.64 -22.23
CA MET A 507 1.55 -20.41 -21.31
C MET A 507 1.95 -21.66 -20.54
N GLU A 508 0.99 -22.51 -20.19
CA GLU A 508 1.30 -23.77 -19.51
C GLU A 508 2.29 -24.68 -20.26
N ASP A 509 2.37 -24.59 -21.59
CA ASP A 509 3.45 -25.29 -22.33
C ASP A 509 4.90 -24.90 -21.94
N TRP A 510 5.11 -23.68 -21.44
CA TRP A 510 6.46 -23.17 -21.11
C TRP A 510 6.69 -22.99 -19.61
N ILE A 511 5.57 -22.89 -18.90
CA ILE A 511 5.56 -22.65 -17.47
C ILE A 511 4.53 -23.58 -16.86
N PRO A 512 4.90 -24.88 -16.64
CA PRO A 512 3.95 -25.94 -16.28
C PRO A 512 3.29 -25.80 -14.91
N HIS A 513 3.95 -25.16 -13.96
CA HIS A 513 3.37 -24.94 -12.61
C HIS A 513 2.79 -23.52 -12.41
N LEU A 514 2.52 -22.84 -13.53
CA LEU A 514 1.90 -21.52 -13.58
C LEU A 514 0.61 -21.43 -12.80
N LYS A 515 0.57 -20.43 -11.93
CA LYS A 515 -0.64 -20.07 -11.21
C LYS A 515 -1.34 -18.91 -11.94
N ARG A 516 -2.66 -18.82 -11.79
CA ARG A 516 -3.45 -17.83 -12.52
C ARG A 516 -4.40 -17.12 -11.59
N GLY A 517 -4.84 -15.94 -12.02
CA GLY A 517 -5.90 -15.18 -11.38
C GLY A 517 -6.48 -14.35 -12.50
N HIS A 518 -7.66 -13.83 -12.30
CA HIS A 518 -8.39 -13.30 -13.42
C HIS A 518 -9.23 -12.22 -12.85
N ILE A 519 -9.19 -11.04 -13.48
CA ILE A 519 -10.05 -9.95 -13.07
C ILE A 519 -11.12 -9.56 -14.12
N GLU A 520 -12.35 -9.55 -13.63
CA GLU A 520 -13.49 -9.26 -14.46
C GLU A 520 -13.75 -7.80 -14.46
N ASP A 521 -14.16 -7.29 -15.61
CA ASP A 521 -14.60 -5.91 -15.78
C ASP A 521 -13.39 -5.04 -15.53
N CYS A 522 -12.28 -5.45 -16.12
CA CYS A 522 -11.00 -4.79 -15.85
C CYS A 522 -10.30 -4.47 -17.16
N GLY A 523 -10.10 -3.18 -17.41
CA GLY A 523 -9.46 -2.75 -18.63
C GLY A 523 -7.96 -2.97 -18.60
N HIS A 524 -7.23 -2.23 -19.45
CA HIS A 524 -5.80 -2.38 -19.57
C HIS A 524 -5.00 -1.84 -18.38
N TRP A 525 -5.55 -0.86 -17.68
CA TRP A 525 -4.84 -0.17 -16.61
C TRP A 525 -5.07 -0.87 -15.30
N THR A 526 -4.67 -2.13 -15.27
CA THR A 526 -5.04 -3.01 -14.19
C THR A 526 -4.96 -2.40 -12.78
N GLN A 527 -3.85 -1.71 -12.48
CA GLN A 527 -3.50 -1.45 -11.07
C GLN A 527 -4.40 -0.45 -10.40
N MET A 528 -5.01 0.43 -11.20
CA MET A 528 -5.84 1.53 -10.70
C MET A 528 -7.31 1.27 -11.06
N ASP A 529 -7.52 0.37 -12.01
CA ASP A 529 -8.85 -0.01 -12.47
C ASP A 529 -9.53 -0.79 -11.36
N LYS A 530 -8.84 -1.81 -10.85
CA LYS A 530 -9.29 -2.70 -9.79
C LYS A 530 -8.12 -2.98 -8.84
N PRO A 531 -7.73 -1.96 -8.07
CA PRO A 531 -6.61 -2.06 -7.12
C PRO A 531 -6.82 -3.10 -6.02
N THR A 532 -7.99 -3.07 -5.37
CA THR A 532 -8.35 -4.08 -4.36
C THR A 532 -8.13 -5.52 -4.86
N GLU A 533 -8.79 -5.88 -5.94
CA GLU A 533 -8.69 -7.23 -6.41
C GLU A 533 -7.23 -7.60 -6.70
N VAL A 534 -6.45 -6.65 -7.27
CA VAL A 534 -5.05 -6.90 -7.63
C VAL A 534 -4.21 -7.13 -6.38
N ASN A 535 -4.47 -6.34 -5.34
CA ASN A 535 -3.75 -6.50 -4.10
C ASN A 535 -4.00 -7.91 -3.51
N GLN A 536 -5.27 -8.31 -3.46
CA GLN A 536 -5.59 -9.62 -2.89
C GLN A 536 -4.92 -10.78 -3.67
N ILE A 537 -4.95 -10.72 -5.01
CA ILE A 537 -4.32 -11.77 -5.84
C ILE A 537 -2.78 -11.84 -5.65
N LEU A 538 -2.14 -10.66 -5.56
CA LEU A 538 -0.68 -10.61 -5.38
C LEU A 538 -0.23 -11.03 -3.96
N ILE A 539 -0.94 -10.57 -2.92
CA ILE A 539 -0.62 -10.94 -1.55
C ILE A 539 -0.86 -12.44 -1.27
N LYS A 540 -1.97 -12.98 -1.76
CA LYS A 540 -2.23 -14.41 -1.60
C LYS A 540 -1.13 -15.27 -2.29
N TRP A 541 -0.78 -14.91 -3.53
CA TRP A 541 0.29 -15.59 -4.26
C TRP A 541 1.68 -15.41 -3.59
N LEU A 542 2.01 -14.18 -3.18
CA LEU A 542 3.27 -13.92 -2.43
C LEU A 542 3.40 -14.77 -1.14
N ASP A 543 2.38 -14.73 -0.27
CA ASP A 543 2.34 -15.56 0.94
C ASP A 543 2.55 -17.03 0.60
N SER A 544 1.95 -17.54 -0.47
CA SER A 544 2.11 -18.97 -0.73
C SER A 544 3.33 -19.38 -1.55
N ASP A 545 3.76 -18.56 -2.51
CA ASP A 545 4.80 -18.99 -3.46
C ASP A 545 6.17 -18.36 -3.30
N ALA A 546 6.25 -17.37 -2.43
CA ALA A 546 7.37 -16.47 -2.41
C ALA A 546 7.91 -16.28 -0.99
N ARG A 547 7.06 -16.48 0.00
CA ARG A 547 7.43 -16.55 1.41
C ARG A 547 8.07 -17.92 1.72
MG MG B . -9.59 3.28 26.16
C20 4A0 C . 4.01 -5.98 -23.62
C21 4A0 C . 5.01 -5.64 -24.49
C17 4A0 C . 2.73 -5.50 -23.77
C18 4A0 C . 4.76 -4.78 -25.53
C5 4A0 C . 2.46 -4.66 -24.81
C9 4A0 C . 3.48 -4.30 -25.68
C10 4A0 C . -2.88 2.37 -24.68
C11 4A0 C . -2.65 1.28 -26.86
C12 4A0 C . -1.04 3.06 -26.14
C6 4A0 C . -2.10 -0.04 -24.83
C8 4A0 C . -0.53 1.69 -24.15
C7 4A0 C . -0.26 0.72 -26.39
C2 4A0 C . -3.02 1.04 -25.42
C4 4A0 C . -1.42 2.80 -24.70
C3 4A0 C . -1.21 1.78 -26.94
C1 4A0 C . -0.65 0.41 -24.97
C16 4A0 C . 1.08 -4.12 -24.98
C15 4A0 C . 0.32 -0.62 -24.48
C19 4A0 C . -0.05 -2.09 -24.69
N13 4A0 C . 1.22 -2.69 -25.00
O14 4A0 C . 3.23 -3.45 -26.73
#